data_6GRZ
#
_entry.id   6GRZ
#
_cell.length_a   79.887
_cell.length_b   72.578
_cell.length_c   84.836
_cell.angle_alpha   90.00
_cell.angle_beta   105.67
_cell.angle_gamma   90.00
#
_symmetry.space_group_name_H-M   'I 1 2 1'
#
loop_
_entity.id
_entity.type
_entity.pdbx_description
1 polymer mH6
2 non-polymer GLYCEROL
3 water water
#
_entity_poly.entity_id   1
_entity_poly.type   'polypeptide(L)'
_entity_poly.pdbx_seq_one_letter_code
;QSVLTQPPSVSAAPGQKVTISCSGNNSNIGKNYVSWYQQLPGRTPKLIMYENNKRSSGIPDRFSGSKSGNSATLTITGLQ
TGDEADYYCGVWDSSLSGGVFGGGTKVTVLGQPKAAPSVTLFPPSSEELQANKATLVCLISDFYPGAVTVAWKADSSPVK
AGVETTTPSKQSNNKYAASSYLSLTPEQWKSHRSYSCQVTHEGSTVEKTVAPTECS
;
_entity_poly.pdbx_strand_id   A,B
#
# COMPACT_ATOMS: atom_id res chain seq x y z
N GLN A 1 3.24 -10.74 -13.19
CA GLN A 1 4.55 -10.19 -13.50
C GLN A 1 4.45 -8.76 -14.08
N SER A 2 5.30 -7.82 -13.60
CA SER A 2 5.32 -6.41 -14.04
C SER A 2 6.72 -5.79 -14.21
N VAL A 3 6.98 -5.29 -15.42
CA VAL A 3 8.23 -4.61 -15.80
C VAL A 3 8.00 -3.06 -15.85
N LEU A 4 6.71 -2.60 -15.75
CA LEU A 4 6.35 -1.18 -15.83
C LEU A 4 6.72 -0.37 -14.58
N THR A 5 7.67 0.58 -14.76
CA THR A 5 8.21 1.45 -13.73
C THR A 5 7.80 2.91 -13.95
N GLN A 6 7.30 3.51 -12.86
CA GLN A 6 6.82 4.88 -12.76
C GLN A 6 7.48 5.51 -11.54
N PRO A 7 7.66 6.85 -11.51
CA PRO A 7 8.15 7.49 -10.28
C PRO A 7 7.09 7.37 -9.17
N PRO A 8 7.47 7.10 -7.91
CA PRO A 8 6.45 6.99 -6.86
C PRO A 8 5.69 8.30 -6.63
N SER A 9 6.37 9.42 -6.88
CA SER A 9 5.85 10.74 -6.58
C SER A 9 6.26 11.79 -7.55
N VAL A 10 5.31 12.68 -7.88
CA VAL A 10 5.55 13.91 -8.65
C VAL A 10 4.75 15.00 -7.97
N SER A 11 5.18 16.25 -8.12
CA SER A 11 4.50 17.37 -7.52
C SER A 11 4.89 18.66 -8.15
N ALA A 12 4.05 19.67 -7.95
CA ALA A 12 4.32 21.02 -8.41
C ALA A 12 3.37 21.96 -7.69
N ALA A 13 3.63 23.23 -7.80
CA ALA A 13 2.80 24.26 -7.22
C ALA A 13 1.56 24.41 -8.12
N PRO A 14 0.41 24.90 -7.60
CA PRO A 14 -0.78 25.04 -8.46
C PRO A 14 -0.49 25.91 -9.69
N GLY A 15 -1.02 25.56 -10.85
CA GLY A 15 -0.79 26.31 -12.09
C GLY A 15 0.37 25.80 -12.92
N GLN A 16 1.22 24.97 -12.31
CA GLN A 16 2.41 24.39 -12.92
C GLN A 16 2.10 23.06 -13.61
N LYS A 17 3.14 22.35 -14.09
CA LYS A 17 2.94 21.11 -14.83
C LYS A 17 3.74 19.93 -14.26
N VAL A 18 3.12 18.76 -14.31
CA VAL A 18 3.76 17.52 -13.90
C VAL A 18 3.75 16.59 -15.11
N THR A 19 4.69 15.66 -15.14
CA THR A 19 4.80 14.63 -16.18
C THR A 19 5.03 13.35 -15.42
N ILE A 20 4.29 12.31 -15.78
CA ILE A 20 4.35 11.00 -15.15
C ILE A 20 4.76 10.08 -16.25
N SER A 21 5.99 9.60 -16.15
CA SER A 21 6.59 8.70 -17.10
C SER A 21 6.38 7.27 -16.67
N CYS A 22 6.26 6.39 -17.64
CA CYS A 22 6.17 4.98 -17.38
C CYS A 22 7.02 4.26 -18.39
N SER A 23 8.05 3.58 -17.93
CA SER A 23 8.93 2.88 -18.84
C SER A 23 8.65 1.39 -18.82
N GLY A 24 8.53 0.84 -20.03
CA GLY A 24 8.30 -0.57 -20.27
C GLY A 24 9.28 -1.17 -21.24
N ASN A 25 8.78 -2.08 -22.07
CA ASN A 25 9.57 -2.76 -23.07
C ASN A 25 8.82 -2.79 -24.39
N ASN A 26 9.38 -3.46 -25.41
CA ASN A 26 8.82 -3.57 -26.77
C ASN A 26 7.52 -4.38 -26.83
N SER A 27 7.41 -5.46 -26.04
N SER A 27 7.41 -5.46 -26.05
CA SER A 27 6.25 -6.35 -25.98
CA SER A 27 6.22 -6.33 -26.04
C SER A 27 5.00 -5.67 -25.40
C SER A 27 4.99 -5.68 -25.40
N ASN A 28 5.20 -4.68 -24.50
CA ASN A 28 4.10 -3.96 -23.86
C ASN A 28 3.94 -2.55 -24.47
N ILE A 29 4.52 -1.49 -23.86
CA ILE A 29 4.41 -0.07 -24.28
C ILE A 29 4.84 0.14 -25.74
N GLY A 30 5.89 -0.55 -26.16
CA GLY A 30 6.41 -0.46 -27.52
C GLY A 30 5.46 -0.83 -28.64
N LYS A 31 4.59 -1.88 -28.45
CA LYS A 31 3.70 -2.29 -29.54
C LYS A 31 2.18 -2.20 -29.24
N ASN A 32 1.79 -1.93 -27.99
CA ASN A 32 0.36 -1.90 -27.63
C ASN A 32 -0.15 -0.53 -27.15
N TYR A 33 -1.50 -0.38 -27.12
CA TYR A 33 -2.21 0.82 -26.68
C TYR A 33 -2.12 1.02 -25.17
N VAL A 34 -1.69 2.22 -24.78
CA VAL A 34 -1.47 2.63 -23.39
C VAL A 34 -2.68 3.37 -22.84
N SER A 35 -3.12 2.93 -21.67
CA SER A 35 -4.21 3.59 -20.95
C SER A 35 -3.67 4.14 -19.63
N TRP A 36 -4.32 5.15 -19.08
CA TRP A 36 -3.98 5.77 -17.79
C TRP A 36 -5.20 5.78 -16.92
N TYR A 37 -5.02 5.47 -15.65
CA TYR A 37 -6.12 5.40 -14.70
C TYR A 37 -5.86 6.35 -13.56
N GLN A 38 -6.92 6.97 -13.04
CA GLN A 38 -6.83 7.87 -11.89
C GLN A 38 -7.51 7.17 -10.73
N GLN A 39 -6.89 7.20 -9.57
CA GLN A 39 -7.44 6.59 -8.37
C GLN A 39 -7.52 7.70 -7.31
N LEU A 40 -8.75 8.16 -7.09
CA LEU A 40 -9.01 9.21 -6.11
C LEU A 40 -9.10 8.62 -4.74
N PRO A 41 -8.78 9.39 -3.65
CA PRO A 41 -8.79 8.80 -2.31
C PRO A 41 -10.13 8.16 -1.94
N GLY A 42 -10.05 6.84 -1.70
CA GLY A 42 -11.18 6.00 -1.35
C GLY A 42 -12.18 5.75 -2.46
N ARG A 43 -11.83 6.12 -3.71
CA ARG A 43 -12.71 5.92 -4.89
C ARG A 43 -12.20 4.82 -5.82
N THR A 44 -13.13 4.25 -6.63
CA THR A 44 -12.82 3.22 -7.62
C THR A 44 -11.99 3.84 -8.80
N PRO A 45 -10.92 3.16 -9.32
CA PRO A 45 -10.12 3.77 -10.39
C PRO A 45 -10.89 3.99 -11.69
N LYS A 46 -10.71 5.15 -12.27
CA LYS A 46 -11.40 5.49 -13.50
C LYS A 46 -10.42 5.71 -14.65
N LEU A 47 -10.82 5.25 -15.83
CA LEU A 47 -10.07 5.42 -17.06
C LEU A 47 -10.12 6.90 -17.41
N ILE A 48 -8.94 7.49 -17.69
CA ILE A 48 -8.84 8.90 -18.04
C ILE A 48 -8.19 9.11 -19.40
N MET A 49 -7.43 8.11 -19.89
CA MET A 49 -6.67 8.19 -21.14
C MET A 49 -6.55 6.79 -21.68
N TYR A 50 -6.77 6.63 -22.98
CA TYR A 50 -6.68 5.34 -23.65
C TYR A 50 -6.11 5.55 -25.03
N GLU A 51 -5.69 4.46 -25.69
CA GLU A 51 -5.13 4.48 -27.03
C GLU A 51 -3.97 5.50 -27.13
N ASN A 52 -3.13 5.51 -26.06
CA ASN A 52 -1.96 6.38 -25.87
C ASN A 52 -2.29 7.83 -25.51
N ASN A 53 -3.16 8.51 -26.27
CA ASN A 53 -3.44 9.94 -26.08
C ASN A 53 -4.91 10.41 -26.20
N LYS A 54 -5.88 9.48 -26.11
CA LYS A 54 -7.29 9.84 -26.19
C LYS A 54 -7.87 9.99 -24.78
N ARG A 55 -8.37 11.18 -24.49
CA ARG A 55 -8.97 11.54 -23.22
C ARG A 55 -10.34 10.91 -23.08
N SER A 56 -10.68 10.44 -21.85
CA SER A 56 -12.02 9.92 -21.62
C SER A 56 -12.95 11.16 -21.41
N SER A 57 -14.28 10.99 -21.61
CA SER A 57 -15.25 12.09 -21.46
C SER A 57 -15.16 12.77 -20.10
N GLY A 58 -15.23 14.09 -20.12
CA GLY A 58 -15.16 14.91 -18.92
C GLY A 58 -13.75 15.27 -18.47
N ILE A 59 -12.71 14.55 -18.99
CA ILE A 59 -11.30 14.78 -18.66
C ILE A 59 -10.82 16.05 -19.36
N PRO A 60 -10.38 17.10 -18.61
CA PRO A 60 -9.95 18.36 -19.27
C PRO A 60 -8.74 18.20 -20.20
N ASP A 61 -8.63 19.12 -21.19
CA ASP A 61 -7.57 19.14 -22.21
C ASP A 61 -6.17 19.33 -21.61
N ARG A 62 -6.10 19.74 -20.32
CA ARG A 62 -4.87 19.90 -19.52
C ARG A 62 -4.15 18.56 -19.37
N PHE A 63 -4.90 17.44 -19.48
CA PHE A 63 -4.39 16.08 -19.34
C PHE A 63 -4.04 15.58 -20.72
N SER A 64 -2.80 15.16 -20.93
CA SER A 64 -2.39 14.65 -22.24
C SER A 64 -1.46 13.45 -22.12
N GLY A 65 -1.71 12.47 -22.98
CA GLY A 65 -0.95 11.23 -23.03
C GLY A 65 -0.05 11.21 -24.24
N SER A 66 1.12 10.59 -24.10
CA SER A 66 2.07 10.41 -25.20
C SER A 66 2.90 9.16 -24.95
N LYS A 67 3.52 8.68 -26.02
CA LYS A 67 4.32 7.47 -26.03
C LYS A 67 5.49 7.68 -27.00
N SER A 68 6.70 7.32 -26.55
CA SER A 68 7.96 7.42 -27.32
C SER A 68 8.76 6.16 -27.02
N GLY A 69 8.91 5.32 -28.04
CA GLY A 69 9.61 4.05 -27.91
C GLY A 69 8.87 3.10 -26.98
N ASN A 70 9.53 2.74 -25.88
CA ASN A 70 9.04 1.81 -24.88
C ASN A 70 8.59 2.51 -23.60
N SER A 71 8.43 3.84 -23.65
CA SER A 71 7.98 4.61 -22.49
C SER A 71 6.78 5.49 -22.86
N ALA A 72 5.82 5.60 -21.92
CA ALA A 72 4.60 6.40 -22.07
C ALA A 72 4.57 7.50 -21.00
N THR A 73 3.90 8.62 -21.25
CA THR A 73 3.84 9.70 -20.27
C THR A 73 2.47 10.32 -20.21
N LEU A 74 2.07 10.71 -19.01
CA LEU A 74 0.85 11.45 -18.78
C LEU A 74 1.34 12.79 -18.27
N THR A 75 0.95 13.85 -18.97
CA THR A 75 1.33 15.21 -18.63
C THR A 75 0.08 15.95 -18.16
N ILE A 76 0.24 16.76 -17.08
CA ILE A 76 -0.85 17.57 -16.51
C ILE A 76 -0.33 18.98 -16.35
N THR A 77 -0.95 19.94 -17.05
CA THR A 77 -0.62 21.37 -16.99
C THR A 77 -1.72 22.06 -16.16
N GLY A 78 -1.49 23.29 -15.72
CA GLY A 78 -2.44 24.05 -14.91
C GLY A 78 -2.89 23.23 -13.70
N LEU A 79 -1.92 22.58 -13.02
CA LEU A 79 -2.17 21.66 -11.91
C LEU A 79 -3.05 22.29 -10.84
N GLN A 80 -4.12 21.60 -10.47
CA GLN A 80 -5.07 22.06 -9.47
C GLN A 80 -5.35 20.97 -8.44
N THR A 81 -5.83 21.36 -7.26
CA THR A 81 -6.09 20.49 -6.10
C THR A 81 -6.81 19.16 -6.48
N GLY A 82 -7.84 19.24 -7.30
CA GLY A 82 -8.62 18.10 -7.79
C GLY A 82 -7.89 17.10 -8.65
N ASP A 83 -6.61 17.36 -9.03
CA ASP A 83 -5.79 16.43 -9.84
C ASP A 83 -5.03 15.49 -8.91
N GLU A 84 -5.01 15.80 -7.60
CA GLU A 84 -4.35 15.01 -6.54
C GLU A 84 -5.00 13.66 -6.47
N ALA A 85 -4.22 12.63 -6.81
CA ALA A 85 -4.66 11.26 -6.95
C ALA A 85 -3.45 10.41 -7.23
N ASP A 86 -3.65 9.09 -7.32
CA ASP A 86 -2.64 8.13 -7.77
C ASP A 86 -3.00 7.82 -9.22
N TYR A 87 -2.02 7.81 -10.08
CA TYR A 87 -2.22 7.53 -11.48
C TYR A 87 -1.41 6.35 -11.83
N TYR A 88 -1.95 5.45 -12.66
CA TYR A 88 -1.14 4.33 -13.10
C TYR A 88 -1.42 4.01 -14.57
N CYS A 89 -0.40 3.51 -15.20
CA CYS A 89 -0.33 3.15 -16.61
C CYS A 89 -0.75 1.70 -16.74
N GLY A 90 -1.47 1.39 -17.80
CA GLY A 90 -1.95 0.04 -18.09
C GLY A 90 -1.77 -0.25 -19.55
N VAL A 91 -1.21 -1.43 -19.87
CA VAL A 91 -0.92 -1.80 -21.26
C VAL A 91 -0.94 -3.32 -21.46
N TRP A 92 -1.25 -3.74 -22.69
CA TRP A 92 -1.24 -5.14 -23.05
C TRP A 92 0.19 -5.58 -23.29
N ASP A 93 0.56 -6.78 -22.80
CA ASP A 93 1.88 -7.34 -23.02
C ASP A 93 1.70 -8.56 -23.88
N SER A 94 2.10 -8.44 -25.16
CA SER A 94 1.95 -9.45 -26.23
C SER A 94 2.71 -10.75 -26.01
N SER A 95 3.84 -10.70 -25.30
CA SER A 95 4.63 -11.88 -24.97
C SER A 95 4.02 -12.64 -23.77
N LEU A 96 3.39 -11.88 -22.84
CA LEU A 96 2.76 -12.37 -21.63
C LEU A 96 1.29 -12.79 -21.84
N SER A 97 0.63 -12.22 -22.89
CA SER A 97 -0.79 -12.45 -23.22
C SER A 97 -1.72 -12.05 -22.04
N GLY A 98 -1.40 -10.90 -21.47
CA GLY A 98 -2.11 -10.28 -20.37
C GLY A 98 -1.69 -8.84 -20.19
N GLY A 99 -2.48 -8.11 -19.42
CA GLY A 99 -2.21 -6.73 -19.08
C GLY A 99 -1.16 -6.58 -18.00
N VAL A 100 -0.32 -5.57 -18.16
CA VAL A 100 0.70 -5.13 -17.21
C VAL A 100 0.37 -3.69 -16.79
N PHE A 101 0.70 -3.35 -15.55
CA PHE A 101 0.40 -2.05 -14.99
C PHE A 101 1.62 -1.42 -14.35
N GLY A 102 1.69 -0.10 -14.38
CA GLY A 102 2.71 0.66 -13.67
C GLY A 102 2.42 0.58 -12.17
N GLY A 103 3.43 0.80 -11.34
CA GLY A 103 3.31 0.73 -9.88
C GLY A 103 2.58 1.91 -9.27
N GLY A 104 2.30 2.93 -10.08
CA GLY A 104 1.53 4.09 -9.64
C GLY A 104 2.35 5.28 -9.18
N THR A 105 1.78 6.47 -9.36
CA THR A 105 2.40 7.75 -9.01
C THR A 105 1.37 8.60 -8.29
N LYS A 106 1.74 9.14 -7.12
CA LYS A 106 0.91 10.08 -6.39
C LYS A 106 1.28 11.46 -6.91
N VAL A 107 0.26 12.26 -7.19
CA VAL A 107 0.44 13.61 -7.67
C VAL A 107 0.03 14.47 -6.51
N THR A 108 0.92 15.39 -6.10
CA THR A 108 0.68 16.36 -5.04
C THR A 108 0.71 17.78 -5.57
N VAL A 109 -0.30 18.58 -5.21
CA VAL A 109 -0.36 20.00 -5.56
C VAL A 109 0.23 20.68 -4.35
N LEU A 110 1.47 21.22 -4.48
CA LEU A 110 2.22 21.78 -3.36
C LEU A 110 1.55 22.99 -2.72
N GLY A 111 1.08 22.78 -1.50
CA GLY A 111 0.38 23.78 -0.69
C GLY A 111 1.19 24.27 0.49
N GLN A 112 2.39 23.73 0.65
CA GLN A 112 3.26 24.06 1.75
C GLN A 112 4.69 23.66 1.39
N PRO A 113 5.71 24.08 2.16
CA PRO A 113 7.08 23.64 1.84
C PRO A 113 7.23 22.13 1.93
N LYS A 114 8.08 21.59 1.09
CA LYS A 114 8.45 20.18 1.10
C LYS A 114 9.29 19.92 2.36
N ALA A 115 9.14 18.76 2.97
CA ALA A 115 9.88 18.43 4.19
C ALA A 115 10.33 17.01 4.09
N ALA A 116 11.60 16.78 4.38
CA ALA A 116 12.25 15.48 4.38
C ALA A 116 11.78 14.73 5.60
N PRO A 117 11.48 13.43 5.48
CA PRO A 117 11.04 12.69 6.66
C PRO A 117 12.09 12.57 7.74
N SER A 118 11.60 12.49 8.98
CA SER A 118 12.41 12.20 10.14
C SER A 118 12.21 10.67 10.27
N VAL A 119 13.31 9.89 10.21
CA VAL A 119 13.29 8.43 10.26
C VAL A 119 13.87 7.95 11.59
N THR A 120 13.05 7.23 12.39
CA THR A 120 13.47 6.68 13.69
C THR A 120 13.19 5.19 13.65
N LEU A 121 14.25 4.42 13.67
CA LEU A 121 14.25 2.97 13.60
C LEU A 121 14.38 2.31 14.99
N PHE A 122 13.31 1.60 15.42
CA PHE A 122 13.23 0.91 16.69
C PHE A 122 13.48 -0.59 16.57
N PRO A 123 14.45 -1.12 17.37
CA PRO A 123 14.68 -2.58 17.42
C PRO A 123 13.52 -3.28 18.17
N PRO A 124 13.46 -4.64 18.22
CA PRO A 124 12.42 -5.31 19.04
C PRO A 124 12.64 -5.03 20.53
N SER A 125 11.59 -4.70 21.26
CA SER A 125 11.66 -4.39 22.69
C SER A 125 12.01 -5.63 23.51
N SER A 126 12.49 -5.42 24.75
CA SER A 126 12.87 -6.51 25.63
C SER A 126 11.67 -7.37 25.98
N GLU A 127 10.54 -6.72 26.32
CA GLU A 127 9.27 -7.34 26.66
C GLU A 127 8.83 -8.24 25.50
N GLU A 128 8.96 -7.73 24.26
CA GLU A 128 8.59 -8.46 23.05
C GLU A 128 9.45 -9.74 22.87
N LEU A 129 10.78 -9.62 22.99
CA LEU A 129 11.71 -10.73 22.85
C LEU A 129 11.51 -11.78 23.95
N GLN A 130 11.08 -11.34 25.15
CA GLN A 130 10.77 -12.21 26.30
C GLN A 130 9.55 -13.11 26.00
N ALA A 131 8.70 -12.65 25.09
CA ALA A 131 7.49 -13.31 24.59
C ALA A 131 7.79 -14.06 23.27
N ASN A 132 9.09 -14.24 22.93
CA ASN A 132 9.58 -14.89 21.70
C ASN A 132 8.93 -14.29 20.39
N LYS A 133 8.83 -12.95 20.37
CA LYS A 133 8.33 -12.17 19.24
C LYS A 133 9.31 -11.06 18.96
N ALA A 134 9.32 -10.55 17.71
CA ALA A 134 10.25 -9.51 17.31
C ALA A 134 9.61 -8.65 16.19
N THR A 135 9.54 -7.35 16.45
CA THR A 135 8.99 -6.38 15.51
C THR A 135 9.93 -5.20 15.42
N LEU A 136 10.34 -4.89 14.19
CA LEU A 136 11.16 -3.72 13.90
C LEU A 136 10.18 -2.66 13.43
N VAL A 137 10.29 -1.46 13.98
CA VAL A 137 9.41 -0.35 13.57
C VAL A 137 10.24 0.80 13.07
N CYS A 138 9.90 1.25 11.88
CA CYS A 138 10.51 2.35 11.18
C CYS A 138 9.46 3.44 11.21
N LEU A 139 9.59 4.40 12.13
CA LEU A 139 8.70 5.55 12.21
C LEU A 139 9.16 6.61 11.21
N ILE A 140 8.24 7.12 10.37
CA ILE A 140 8.54 8.12 9.35
C ILE A 140 7.61 9.32 9.60
N SER A 141 8.19 10.47 9.97
CA SER A 141 7.31 11.58 10.31
C SER A 141 7.77 12.89 9.74
N ASP A 142 6.90 13.89 9.78
CA ASP A 142 7.19 15.26 9.31
C ASP A 142 7.58 15.38 7.83
N PHE A 143 6.93 14.61 6.99
CA PHE A 143 7.23 14.71 5.57
C PHE A 143 6.08 15.28 4.76
N TYR A 144 6.45 15.94 3.69
CA TYR A 144 5.56 16.52 2.69
C TYR A 144 6.34 16.65 1.38
N PRO A 145 5.83 16.18 0.22
CA PRO A 145 4.56 15.49 -0.02
C PRO A 145 4.37 14.19 0.78
N GLY A 146 3.13 13.77 0.91
CA GLY A 146 2.70 12.57 1.63
C GLY A 146 2.84 11.26 0.89
N ALA A 147 4.03 10.94 0.43
CA ALA A 147 4.31 9.68 -0.27
C ALA A 147 5.72 9.26 0.04
N VAL A 148 5.90 7.99 0.47
CA VAL A 148 7.22 7.42 0.76
C VAL A 148 7.30 6.04 0.16
N THR A 149 8.51 5.60 -0.11
CA THR A 149 8.83 4.26 -0.60
C THR A 149 9.76 3.72 0.46
N VAL A 150 9.42 2.57 1.01
CA VAL A 150 10.17 1.92 2.08
C VAL A 150 10.67 0.55 1.58
N ALA A 151 11.90 0.22 1.94
CA ALA A 151 12.57 -1.01 1.60
C ALA A 151 13.39 -1.44 2.80
N TRP A 152 13.23 -2.70 3.20
CA TRP A 152 14.00 -3.25 4.30
C TRP A 152 15.06 -4.18 3.80
N LYS A 153 16.20 -4.21 4.50
CA LYS A 153 17.31 -5.13 4.23
C LYS A 153 17.76 -5.84 5.51
N ALA A 154 18.20 -7.09 5.36
CA ALA A 154 18.78 -7.91 6.42
C ALA A 154 20.16 -8.23 5.87
N ASP A 155 21.21 -7.60 6.44
CA ASP A 155 22.61 -7.74 5.97
C ASP A 155 22.71 -7.54 4.46
N SER A 156 22.36 -6.33 3.98
CA SER A 156 22.36 -5.90 2.57
C SER A 156 21.40 -6.71 1.66
N SER A 157 20.63 -7.65 2.22
CA SER A 157 19.72 -8.44 1.41
C SER A 157 18.26 -8.02 1.59
N PRO A 158 17.63 -7.60 0.47
CA PRO A 158 16.22 -7.16 0.51
C PRO A 158 15.24 -8.13 1.17
N VAL A 159 14.40 -7.59 2.05
CA VAL A 159 13.38 -8.36 2.74
C VAL A 159 12.14 -8.39 1.83
N LYS A 160 11.55 -9.58 1.65
CA LYS A 160 10.41 -9.82 0.78
C LYS A 160 9.16 -10.32 1.55
N ALA A 161 9.21 -10.33 2.90
CA ALA A 161 8.10 -10.82 3.72
C ALA A 161 7.94 -10.15 5.08
N GLY A 162 6.68 -10.03 5.51
CA GLY A 162 6.30 -9.46 6.81
C GLY A 162 6.28 -7.95 6.89
N VAL A 163 6.56 -7.26 5.75
CA VAL A 163 6.58 -5.81 5.67
C VAL A 163 5.21 -5.24 5.45
N GLU A 164 4.86 -4.28 6.29
CA GLU A 164 3.62 -3.53 6.17
C GLU A 164 3.98 -2.08 6.38
N THR A 165 3.47 -1.18 5.54
CA THR A 165 3.73 0.25 5.66
C THR A 165 2.38 0.95 5.63
N THR A 166 2.11 1.86 6.60
CA THR A 166 0.83 2.54 6.60
C THR A 166 0.75 3.61 5.54
N THR A 167 -0.47 3.99 5.19
CA THR A 167 -0.67 5.06 4.20
C THR A 167 -0.42 6.37 4.95
N PRO A 168 0.41 7.29 4.42
CA PRO A 168 0.63 8.57 5.11
C PRO A 168 -0.65 9.29 5.53
N SER A 169 -0.63 9.83 6.75
CA SER A 169 -1.76 10.58 7.26
C SER A 169 -1.27 11.93 7.75
N LYS A 170 -2.08 12.97 7.51
CA LYS A 170 -1.74 14.34 7.88
C LYS A 170 -1.87 14.40 9.37
N GLN A 171 -0.87 14.96 10.03
CA GLN A 171 -0.84 15.10 11.48
C GLN A 171 -1.16 16.52 11.92
N SER A 172 -1.21 16.76 13.26
CA SER A 172 -1.54 18.08 13.86
C SER A 172 -0.65 19.24 13.32
N ASN A 173 0.61 18.94 12.94
CA ASN A 173 1.56 19.92 12.38
C ASN A 173 1.34 20.14 10.89
N ASN A 174 0.37 19.42 10.26
CA ASN A 174 -0.02 19.47 8.83
C ASN A 174 0.93 18.72 7.87
N LYS A 175 2.02 18.16 8.40
CA LYS A 175 2.97 17.31 7.68
C LYS A 175 2.48 15.87 7.87
N TYR A 176 2.97 14.91 7.09
CA TYR A 176 2.54 13.51 7.10
C TYR A 176 3.39 12.58 7.97
N ALA A 177 2.81 11.45 8.31
CA ALA A 177 3.46 10.42 9.11
C ALA A 177 3.01 9.05 8.64
N ALA A 178 3.89 8.08 8.83
CA ALA A 178 3.63 6.70 8.50
C ALA A 178 4.60 5.86 9.29
N SER A 179 4.28 4.60 9.43
CA SER A 179 5.18 3.66 10.07
C SER A 179 5.25 2.46 9.20
N SER A 180 6.43 1.89 9.10
CA SER A 180 6.65 0.64 8.41
C SER A 180 7.15 -0.32 9.45
N TYR A 181 6.62 -1.54 9.42
CA TYR A 181 7.00 -2.53 10.38
C TYR A 181 7.25 -3.89 9.74
N LEU A 182 8.16 -4.61 10.36
CA LEU A 182 8.63 -5.90 9.92
C LEU A 182 8.51 -6.92 11.08
N SER A 183 7.67 -7.96 10.91
CA SER A 183 7.49 -9.04 11.90
C SER A 183 8.45 -10.17 11.61
N LEU A 184 9.31 -10.44 12.59
CA LEU A 184 10.32 -11.49 12.52
C LEU A 184 10.25 -12.33 13.76
N THR A 185 10.99 -13.43 13.77
CA THR A 185 11.08 -14.27 14.94
C THR A 185 12.36 -13.85 15.59
N PRO A 186 12.54 -13.98 16.93
CA PRO A 186 13.82 -13.58 17.53
C PRO A 186 15.04 -14.24 16.87
N GLU A 187 14.86 -15.47 16.30
CA GLU A 187 15.91 -16.20 15.58
C GLU A 187 16.28 -15.44 14.30
N GLN A 188 15.28 -15.07 13.46
CA GLN A 188 15.50 -14.28 12.24
C GLN A 188 16.27 -12.98 12.56
N TRP A 189 15.81 -12.21 13.57
CA TRP A 189 16.42 -10.96 14.08
C TRP A 189 17.86 -11.15 14.58
N LYS A 190 18.16 -12.30 15.23
CA LYS A 190 19.49 -12.58 15.80
C LYS A 190 20.43 -13.35 14.84
N SER A 191 19.90 -13.90 13.73
CA SER A 191 20.67 -14.62 12.70
C SER A 191 21.42 -13.66 11.74
N HIS A 192 20.97 -12.39 11.68
CA HIS A 192 21.55 -11.34 10.85
C HIS A 192 22.32 -10.33 11.71
N ARG A 193 23.46 -9.82 11.20
CA ARG A 193 24.30 -8.83 11.88
C ARG A 193 23.54 -7.52 12.07
N SER A 194 22.77 -7.11 11.04
CA SER A 194 21.98 -5.87 11.11
C SER A 194 20.74 -5.90 10.22
N TYR A 195 19.82 -4.98 10.53
CA TYR A 195 18.63 -4.75 9.73
C TYR A 195 18.59 -3.26 9.34
N SER A 196 18.19 -2.96 8.10
CA SER A 196 18.11 -1.58 7.65
C SER A 196 16.77 -1.22 6.99
N CYS A 197 16.30 -0.01 7.27
CA CYS A 197 15.10 0.58 6.71
C CYS A 197 15.65 1.73 5.81
N GLN A 198 15.30 1.69 4.53
CA GLN A 198 15.69 2.68 3.53
C GLN A 198 14.40 3.40 3.14
N VAL A 199 14.33 4.72 3.40
CA VAL A 199 13.15 5.55 3.14
C VAL A 199 13.49 6.49 1.98
N THR A 200 12.71 6.43 0.91
CA THR A 200 12.86 7.28 -0.27
C THR A 200 11.67 8.26 -0.25
N HIS A 201 12.00 9.55 -0.38
CA HIS A 201 11.05 10.63 -0.39
C HIS A 201 11.50 11.61 -1.43
N GLU A 202 10.71 11.76 -2.51
CA GLU A 202 11.02 12.72 -3.59
C GLU A 202 12.42 12.51 -4.17
N GLY A 203 12.81 11.25 -4.41
CA GLY A 203 14.16 11.02 -4.92
C GLY A 203 15.31 11.24 -3.95
N SER A 204 15.00 11.55 -2.68
CA SER A 204 15.98 11.66 -1.62
C SER A 204 15.84 10.37 -0.76
N THR A 205 16.94 9.66 -0.52
CA THR A 205 16.93 8.39 0.22
C THR A 205 17.80 8.49 1.45
N VAL A 206 17.28 7.99 2.57
CA VAL A 206 17.97 7.90 3.85
C VAL A 206 17.88 6.42 4.31
N GLU A 207 19.00 5.84 4.73
CA GLU A 207 19.06 4.48 5.26
C GLU A 207 19.50 4.52 6.68
N LYS A 208 18.73 3.83 7.55
CA LYS A 208 18.97 3.73 9.00
C LYS A 208 19.21 2.26 9.37
N THR A 209 19.98 2.01 10.44
CA THR A 209 20.32 0.64 10.86
C THR A 209 20.09 0.41 12.35
N VAL A 210 19.77 -0.86 12.71
CA VAL A 210 19.57 -1.41 14.06
C VAL A 210 20.20 -2.82 14.11
N ALA A 211 20.87 -3.13 15.24
CA ALA A 211 21.53 -4.43 15.45
C ALA A 211 21.19 -5.05 16.83
N PRO A 212 21.14 -6.40 16.96
CA PRO A 212 20.87 -7.00 18.28
C PRO A 212 21.96 -6.75 19.32
N THR A 213 21.62 -5.99 20.38
CA THR A 213 22.55 -5.63 21.48
C THR A 213 21.82 -5.59 22.84
N GLU A 214 22.52 -6.08 23.89
CA GLU A 214 22.02 -6.14 25.28
C GLU A 214 22.23 -4.84 26.06
N CYS A 215 21.25 -4.50 26.93
CA CYS A 215 21.26 -3.32 27.78
C CYS A 215 22.26 -3.50 28.94
N SER B 2 -17.59 -1.28 -21.12
CA SER B 2 -16.56 -2.30 -21.32
C SER B 2 -16.94 -3.25 -22.46
N VAL B 3 -15.92 -3.88 -23.09
CA VAL B 3 -16.13 -4.84 -24.18
C VAL B 3 -16.66 -6.17 -23.56
N LEU B 4 -16.05 -6.58 -22.43
CA LEU B 4 -16.46 -7.77 -21.69
C LEU B 4 -17.49 -7.35 -20.60
N THR B 5 -18.46 -8.23 -20.33
CA THR B 5 -19.51 -7.96 -19.33
C THR B 5 -19.32 -8.76 -18.01
N GLN B 6 -19.13 -8.01 -16.91
CA GLN B 6 -18.94 -8.52 -15.55
C GLN B 6 -19.98 -7.95 -14.59
N PRO B 7 -20.49 -8.71 -13.59
CA PRO B 7 -21.40 -8.12 -12.59
C PRO B 7 -20.68 -7.05 -11.74
N PRO B 8 -21.35 -5.98 -11.26
CA PRO B 8 -20.61 -4.93 -10.51
C PRO B 8 -20.06 -5.35 -9.16
N SER B 9 -20.79 -6.23 -8.45
CA SER B 9 -20.43 -6.70 -7.12
C SER B 9 -20.96 -8.09 -6.80
N VAL B 10 -20.26 -8.78 -5.88
CA VAL B 10 -20.58 -10.10 -5.31
C VAL B 10 -20.16 -10.00 -3.83
N SER B 11 -21.02 -10.43 -2.92
CA SER B 11 -20.77 -10.36 -1.49
C SER B 11 -21.07 -11.71 -0.84
N ALA B 12 -20.26 -12.13 0.16
CA ALA B 12 -20.49 -13.39 0.89
C ALA B 12 -19.82 -13.42 2.24
N ALA B 13 -20.40 -14.18 3.17
CA ALA B 13 -19.88 -14.38 4.53
C ALA B 13 -18.46 -15.02 4.48
N PRO B 14 -17.57 -14.81 5.50
CA PRO B 14 -16.24 -15.47 5.43
C PRO B 14 -16.37 -17.00 5.39
N GLY B 15 -15.53 -17.63 4.57
CA GLY B 15 -15.56 -19.08 4.36
C GLY B 15 -16.47 -19.54 3.24
N GLN B 16 -17.32 -18.64 2.69
CA GLN B 16 -18.26 -18.97 1.60
C GLN B 16 -17.56 -19.01 0.22
N LYS B 17 -18.25 -19.53 -0.80
CA LYS B 17 -17.73 -19.60 -2.17
C LYS B 17 -18.40 -18.49 -3.01
N VAL B 18 -17.58 -17.62 -3.64
CA VAL B 18 -18.05 -16.54 -4.52
C VAL B 18 -17.70 -16.89 -5.97
N THR B 19 -18.56 -16.50 -6.90
CA THR B 19 -18.37 -16.71 -8.33
C THR B 19 -18.42 -15.37 -9.06
N ILE B 20 -17.43 -15.12 -9.93
CA ILE B 20 -17.40 -13.91 -10.76
C ILE B 20 -17.38 -14.41 -12.19
N SER B 21 -18.45 -14.17 -12.96
CA SER B 21 -18.50 -14.59 -14.36
C SER B 21 -18.21 -13.40 -15.28
N CYS B 22 -17.64 -13.66 -16.48
CA CYS B 22 -17.35 -12.63 -17.47
C CYS B 22 -17.70 -13.14 -18.86
N SER B 23 -18.53 -12.38 -19.57
CA SER B 23 -18.97 -12.73 -20.92
C SER B 23 -18.37 -11.83 -21.99
N GLY B 24 -18.01 -12.45 -23.11
CA GLY B 24 -17.48 -11.73 -24.26
C GLY B 24 -18.08 -12.26 -25.54
N ASN B 25 -17.22 -12.60 -26.51
CA ASN B 25 -17.62 -13.19 -27.79
C ASN B 25 -16.55 -14.15 -28.32
N ASN B 26 -16.76 -14.65 -29.56
CA ASN B 26 -15.90 -15.60 -30.26
C ASN B 26 -14.51 -15.04 -30.55
N SER B 27 -14.39 -13.69 -30.73
CA SER B 27 -13.15 -12.99 -31.04
C SER B 27 -12.23 -12.80 -29.85
N ASN B 28 -12.78 -12.72 -28.63
CA ASN B 28 -11.96 -12.51 -27.44
C ASN B 28 -11.98 -13.75 -26.55
N ILE B 29 -12.91 -13.87 -25.56
CA ILE B 29 -12.97 -15.03 -24.63
C ILE B 29 -13.02 -16.38 -25.41
N GLY B 30 -13.91 -16.46 -26.39
CA GLY B 30 -14.11 -17.66 -27.21
C GLY B 30 -12.90 -18.17 -27.97
N LYS B 31 -11.90 -17.29 -28.22
CA LYS B 31 -10.68 -17.61 -28.96
C LYS B 31 -9.38 -17.60 -28.13
N ASN B 32 -9.11 -16.49 -27.43
CA ASN B 32 -7.86 -16.26 -26.72
C ASN B 32 -7.85 -16.60 -25.19
N TYR B 33 -6.63 -16.78 -24.64
CA TYR B 33 -6.39 -17.09 -23.22
C TYR B 33 -6.87 -15.92 -22.35
N VAL B 34 -7.63 -16.26 -21.31
CA VAL B 34 -8.17 -15.29 -20.38
C VAL B 34 -7.24 -15.21 -19.14
N SER B 35 -7.13 -14.03 -18.56
CA SER B 35 -6.37 -13.74 -17.34
C SER B 35 -7.32 -13.02 -16.36
N TRP B 36 -7.03 -13.11 -15.08
CA TRP B 36 -7.81 -12.44 -14.05
C TRP B 36 -6.87 -11.60 -13.23
N TYR B 37 -7.35 -10.42 -12.81
CA TYR B 37 -6.57 -9.43 -12.06
C TYR B 37 -7.26 -9.08 -10.77
N GLN B 38 -6.47 -8.91 -9.72
CA GLN B 38 -6.99 -8.50 -8.43
C GLN B 38 -6.45 -7.08 -8.12
N GLN B 39 -7.33 -6.20 -7.67
CA GLN B 39 -6.92 -4.86 -7.29
C GLN B 39 -7.41 -4.56 -5.88
N LEU B 40 -6.49 -4.62 -4.92
CA LEU B 40 -6.74 -4.29 -3.51
C LEU B 40 -6.97 -2.77 -3.39
N PRO B 41 -7.90 -2.29 -2.50
CA PRO B 41 -8.19 -0.84 -2.44
C PRO B 41 -6.97 0.06 -2.22
N GLY B 42 -6.75 0.98 -3.16
CA GLY B 42 -5.64 1.93 -3.16
C GLY B 42 -4.37 1.45 -3.87
N ARG B 43 -4.41 0.20 -4.39
CA ARG B 43 -3.27 -0.44 -5.07
C ARG B 43 -3.53 -0.64 -6.57
N THR B 44 -2.53 -1.13 -7.29
CA THR B 44 -2.65 -1.35 -8.73
C THR B 44 -3.14 -2.78 -9.02
N PRO B 45 -3.76 -3.04 -10.19
CA PRO B 45 -4.18 -4.43 -10.49
C PRO B 45 -2.97 -5.37 -10.63
N LYS B 46 -3.10 -6.58 -10.05
CA LYS B 46 -2.06 -7.62 -10.12
C LYS B 46 -2.66 -8.88 -10.79
N LEU B 47 -1.96 -9.46 -11.79
CA LEU B 47 -2.42 -10.67 -12.46
C LEU B 47 -2.41 -11.85 -11.45
N ILE B 48 -3.56 -12.55 -11.32
CA ILE B 48 -3.68 -13.67 -10.38
C ILE B 48 -3.90 -15.03 -11.11
N MET B 49 -4.46 -14.98 -12.33
CA MET B 49 -4.77 -16.11 -13.19
C MET B 49 -4.39 -15.77 -14.61
N TYR B 50 -3.85 -16.74 -15.33
CA TYR B 50 -3.47 -16.63 -16.74
C TYR B 50 -3.82 -17.93 -17.45
N GLU B 51 -3.87 -17.92 -18.81
CA GLU B 51 -4.18 -19.09 -19.64
C GLU B 51 -5.43 -19.82 -19.11
N ASN B 52 -6.47 -19.03 -18.79
CA ASN B 52 -7.80 -19.40 -18.29
C ASN B 52 -7.85 -19.94 -16.85
N ASN B 53 -7.06 -20.99 -16.54
CA ASN B 53 -7.07 -21.70 -15.26
C ASN B 53 -5.72 -21.79 -14.53
N LYS B 54 -4.68 -21.07 -14.99
CA LYS B 54 -3.39 -21.14 -14.31
C LYS B 54 -3.14 -20.00 -13.34
N ARG B 55 -2.88 -20.34 -12.09
CA ARG B 55 -2.58 -19.36 -11.05
C ARG B 55 -1.16 -18.80 -11.22
N SER B 56 -1.01 -17.49 -11.05
CA SER B 56 0.26 -16.80 -11.07
C SER B 56 1.05 -17.14 -9.77
N SER B 57 2.35 -16.83 -9.73
CA SER B 57 3.25 -17.10 -8.62
C SER B 57 2.69 -16.69 -7.26
N GLY B 58 2.72 -17.63 -6.32
CA GLY B 58 2.27 -17.44 -4.93
C GLY B 58 0.78 -17.20 -4.71
N ILE B 59 -0.08 -17.33 -5.76
CA ILE B 59 -1.53 -17.11 -5.63
C ILE B 59 -2.19 -18.29 -4.86
N PRO B 60 -2.98 -18.00 -3.79
CA PRO B 60 -3.58 -19.10 -3.00
C PRO B 60 -4.50 -20.05 -3.78
N ASP B 61 -4.63 -21.28 -3.28
CA ASP B 61 -5.42 -22.41 -3.78
C ASP B 61 -6.92 -22.10 -3.86
N ARG B 62 -7.39 -21.15 -3.02
CA ARG B 62 -8.76 -20.63 -2.93
C ARG B 62 -9.22 -20.11 -4.30
N PHE B 63 -8.27 -19.57 -5.09
CA PHE B 63 -8.52 -19.03 -6.42
C PHE B 63 -8.42 -20.10 -7.46
N SER B 64 -9.44 -20.15 -8.29
CA SER B 64 -9.58 -21.10 -9.39
C SER B 64 -10.25 -20.39 -10.55
N GLY B 65 -9.93 -20.80 -11.76
CA GLY B 65 -10.48 -20.19 -12.96
C GLY B 65 -10.92 -21.21 -13.98
N SER B 66 -11.95 -20.87 -14.76
CA SER B 66 -12.48 -21.74 -15.81
C SER B 66 -12.94 -20.94 -17.01
N LYS B 67 -13.04 -21.58 -18.17
CA LYS B 67 -13.50 -20.95 -19.41
C LYS B 67 -14.42 -21.92 -20.16
N SER B 68 -15.59 -21.43 -20.61
CA SER B 68 -16.59 -22.19 -21.37
C SER B 68 -17.16 -21.28 -22.46
N GLY B 69 -17.05 -21.69 -23.72
CA GLY B 69 -17.54 -20.92 -24.86
C GLY B 69 -17.02 -19.50 -24.84
N ASN B 70 -17.95 -18.52 -24.80
CA ASN B 70 -17.61 -17.10 -24.75
C ASN B 70 -17.61 -16.52 -23.33
N SER B 71 -17.56 -17.40 -22.33
CA SER B 71 -17.56 -16.96 -20.93
C SER B 71 -16.40 -17.53 -20.12
N ALA B 72 -15.96 -16.76 -19.11
CA ALA B 72 -14.92 -17.13 -18.17
C ALA B 72 -15.40 -16.84 -16.75
N THR B 73 -15.03 -17.70 -15.77
CA THR B 73 -15.42 -17.51 -14.37
C THR B 73 -14.25 -17.62 -13.41
N LEU B 74 -14.24 -16.74 -12.40
CA LEU B 74 -13.27 -16.74 -11.30
C LEU B 74 -14.04 -17.18 -10.04
N THR B 75 -13.50 -18.22 -9.36
CA THR B 75 -14.11 -18.74 -8.14
C THR B 75 -13.13 -18.69 -6.98
N ILE B 76 -13.54 -18.01 -5.90
CA ILE B 76 -12.82 -17.91 -4.64
C ILE B 76 -13.55 -18.85 -3.68
N THR B 77 -12.95 -19.99 -3.35
CA THR B 77 -13.52 -20.95 -2.40
C THR B 77 -12.99 -20.54 -1.03
N GLY B 78 -13.84 -20.62 -0.01
CA GLY B 78 -13.47 -20.28 1.36
C GLY B 78 -12.98 -18.85 1.51
N LEU B 79 -13.84 -17.89 1.12
CA LEU B 79 -13.57 -16.45 1.15
C LEU B 79 -12.91 -15.98 2.45
N GLN B 80 -11.95 -15.06 2.32
CA GLN B 80 -11.21 -14.43 3.41
C GLN B 80 -11.40 -12.92 3.32
N THR B 81 -11.09 -12.20 4.43
CA THR B 81 -11.25 -10.74 4.44
C THR B 81 -10.17 -10.06 3.58
N GLY B 82 -9.05 -10.75 3.32
CA GLY B 82 -7.98 -10.26 2.47
C GLY B 82 -8.32 -10.37 0.99
N ASP B 83 -9.39 -11.12 0.65
CA ASP B 83 -9.87 -11.31 -0.73
C ASP B 83 -10.73 -10.16 -1.21
N GLU B 84 -11.19 -9.31 -0.28
CA GLU B 84 -11.98 -8.11 -0.50
C GLU B 84 -11.20 -7.21 -1.47
N ALA B 85 -11.64 -7.14 -2.73
CA ALA B 85 -10.92 -6.40 -3.78
C ALA B 85 -11.81 -6.21 -5.00
N ASP B 86 -11.28 -5.54 -6.02
CA ASP B 86 -11.93 -5.41 -7.33
C ASP B 86 -11.27 -6.46 -8.22
N TYR B 87 -12.07 -7.23 -8.95
CA TYR B 87 -11.56 -8.29 -9.83
C TYR B 87 -11.90 -7.99 -11.28
N TYR B 88 -10.92 -8.11 -12.17
CA TYR B 88 -11.12 -7.82 -13.60
C TYR B 88 -10.71 -9.02 -14.42
N CYS B 89 -11.45 -9.23 -15.49
CA CYS B 89 -11.16 -10.25 -16.47
C CYS B 89 -10.52 -9.53 -17.65
N GLY B 90 -9.45 -10.12 -18.20
CA GLY B 90 -8.73 -9.61 -19.36
C GLY B 90 -8.52 -10.69 -20.40
N VAL B 91 -8.48 -10.26 -21.69
CA VAL B 91 -8.29 -11.14 -22.86
C VAL B 91 -7.97 -10.30 -24.12
N TRP B 92 -7.32 -10.92 -25.09
CA TRP B 92 -7.01 -10.29 -26.36
C TRP B 92 -8.22 -10.46 -27.26
N ASP B 93 -8.65 -9.40 -27.92
CA ASP B 93 -9.73 -9.44 -28.87
C ASP B 93 -9.06 -9.55 -30.25
N SER B 94 -9.30 -10.66 -30.98
CA SER B 94 -8.71 -10.88 -32.31
C SER B 94 -9.38 -10.01 -33.37
N SER B 95 -10.62 -9.54 -33.11
CA SER B 95 -11.39 -8.68 -34.04
C SER B 95 -10.91 -7.25 -33.95
N LEU B 96 -10.72 -6.73 -32.73
CA LEU B 96 -10.23 -5.37 -32.52
C LEU B 96 -8.70 -5.32 -32.63
N SER B 97 -8.01 -6.49 -32.54
CA SER B 97 -6.53 -6.61 -32.51
C SER B 97 -5.91 -5.74 -31.36
N GLY B 98 -6.50 -5.90 -30.17
CA GLY B 98 -6.13 -5.23 -28.93
C GLY B 98 -6.60 -6.01 -27.70
N GLY B 99 -6.10 -5.63 -26.52
CA GLY B 99 -6.48 -6.25 -25.26
C GLY B 99 -7.68 -5.57 -24.65
N VAL B 100 -8.71 -6.36 -24.28
CA VAL B 100 -9.97 -5.92 -23.68
C VAL B 100 -10.15 -6.46 -22.25
N PHE B 101 -10.92 -5.72 -21.44
CA PHE B 101 -11.22 -6.03 -20.04
C PHE B 101 -12.70 -5.88 -19.73
N GLY B 102 -13.11 -6.50 -18.63
CA GLY B 102 -14.44 -6.36 -18.07
C GLY B 102 -14.43 -5.12 -17.21
N GLY B 103 -15.61 -4.67 -16.80
CA GLY B 103 -15.76 -3.48 -15.98
C GLY B 103 -15.38 -3.61 -14.50
N GLY B 104 -15.10 -4.82 -14.04
CA GLY B 104 -14.72 -5.09 -12.66
C GLY B 104 -15.85 -5.48 -11.73
N THR B 105 -15.54 -6.37 -10.76
CA THR B 105 -16.48 -6.84 -9.75
C THR B 105 -15.91 -6.55 -8.36
N LYS B 106 -16.65 -5.80 -7.55
CA LYS B 106 -16.19 -5.52 -6.20
C LYS B 106 -16.61 -6.70 -5.31
N VAL B 107 -15.64 -7.38 -4.68
CA VAL B 107 -15.96 -8.52 -3.79
C VAL B 107 -16.01 -8.05 -2.33
N THR B 108 -17.21 -8.14 -1.73
CA THR B 108 -17.45 -7.72 -0.34
C THR B 108 -17.53 -8.93 0.61
N VAL B 109 -16.83 -8.88 1.74
CA VAL B 109 -16.90 -9.93 2.75
C VAL B 109 -17.93 -9.41 3.74
N LEU B 110 -19.11 -10.07 3.81
CA LEU B 110 -20.23 -9.68 4.65
C LEU B 110 -20.03 -10.17 6.07
N GLY B 111 -20.66 -9.47 7.03
CA GLY B 111 -20.64 -9.82 8.45
C GLY B 111 -19.23 -10.10 8.93
N GLN B 112 -18.34 -9.19 8.59
CA GLN B 112 -16.93 -9.26 8.90
C GLN B 112 -16.72 -9.25 10.42
N PRO B 113 -16.03 -10.29 10.96
CA PRO B 113 -15.81 -10.34 12.42
C PRO B 113 -14.92 -9.21 12.94
N LYS B 114 -15.26 -8.66 14.12
CA LYS B 114 -14.45 -7.63 14.77
C LYS B 114 -13.08 -8.24 15.08
N ALA B 115 -12.01 -7.46 14.86
CA ALA B 115 -10.67 -7.93 15.13
C ALA B 115 -9.98 -6.95 16.09
N ALA B 116 -9.67 -7.43 17.30
CA ALA B 116 -9.03 -6.63 18.34
C ALA B 116 -7.60 -6.24 17.90
N PRO B 117 -7.16 -4.98 18.17
CA PRO B 117 -5.81 -4.60 17.75
C PRO B 117 -4.72 -5.30 18.53
N SER B 118 -3.60 -5.58 17.83
CA SER B 118 -2.41 -6.10 18.45
C SER B 118 -1.68 -4.79 18.85
N VAL B 119 -1.25 -4.66 20.11
CA VAL B 119 -0.63 -3.39 20.54
C VAL B 119 0.80 -3.63 21.01
N THR B 120 1.77 -3.01 20.33
CA THR B 120 3.21 -3.16 20.66
C THR B 120 3.82 -1.79 20.96
N LEU B 121 4.25 -1.55 22.20
CA LEU B 121 4.84 -0.28 22.61
C LEU B 121 6.40 -0.29 22.70
N PHE B 122 7.03 0.68 22.03
CA PHE B 122 8.48 0.81 21.95
C PHE B 122 8.99 2.04 22.71
N PRO B 123 10.05 1.87 23.54
CA PRO B 123 10.64 3.03 24.23
C PRO B 123 11.63 3.78 23.28
N PRO B 124 12.16 5.00 23.61
CA PRO B 124 13.18 5.60 22.73
C PRO B 124 14.46 4.77 22.78
N SER B 125 15.04 4.46 21.61
CA SER B 125 16.28 3.66 21.58
C SER B 125 17.47 4.50 22.04
N SER B 126 18.54 3.82 22.49
CA SER B 126 19.79 4.44 22.94
C SER B 126 20.31 5.47 21.91
N GLU B 127 20.33 5.09 20.61
CA GLU B 127 20.75 5.90 19.48
C GLU B 127 19.98 7.24 19.44
N GLU B 128 18.66 7.20 19.63
CA GLU B 128 17.79 8.37 19.65
C GLU B 128 18.12 9.31 20.82
N LEU B 129 18.32 8.73 22.02
CA LEU B 129 18.63 9.42 23.26
C LEU B 129 20.02 10.05 23.24
N GLN B 130 20.95 9.40 22.50
CA GLN B 130 22.32 9.89 22.32
C GLN B 130 22.26 11.15 21.44
N ALA B 131 21.27 11.22 20.52
CA ALA B 131 21.03 12.37 19.65
C ALA B 131 20.11 13.43 20.32
N ASN B 132 20.00 13.37 21.68
CA ASN B 132 19.22 14.25 22.56
C ASN B 132 17.72 14.27 22.21
N LYS B 133 17.18 13.12 21.74
CA LYS B 133 15.76 12.97 21.40
C LYS B 133 15.12 11.74 22.05
N ALA B 134 13.78 11.78 22.24
CA ALA B 134 13.04 10.65 22.81
C ALA B 134 11.67 10.55 22.17
N THR B 135 11.40 9.42 21.52
CA THR B 135 10.10 9.16 20.90
C THR B 135 9.63 7.80 21.32
N LEU B 136 8.42 7.73 21.86
CA LEU B 136 7.72 6.48 22.21
C LEU B 136 6.76 6.22 21.04
N VAL B 137 6.75 5.00 20.51
CA VAL B 137 5.84 4.56 19.45
C VAL B 137 5.04 3.37 19.96
N CYS B 138 3.73 3.50 19.83
CA CYS B 138 2.71 2.50 20.17
C CYS B 138 2.27 1.96 18.78
N LEU B 139 2.74 0.77 18.39
CA LEU B 139 2.30 0.17 17.12
C LEU B 139 0.93 -0.56 17.35
N ILE B 140 -0.08 -0.24 16.51
CA ILE B 140 -1.47 -0.78 16.60
C ILE B 140 -1.81 -1.49 15.27
N SER B 141 -1.82 -2.83 15.28
CA SER B 141 -2.01 -3.61 14.05
C SER B 141 -3.17 -4.63 14.10
N ASP B 142 -3.58 -5.14 12.92
CA ASP B 142 -4.59 -6.19 12.70
C ASP B 142 -6.00 -5.92 13.28
N PHE B 143 -6.44 -4.67 13.32
CA PHE B 143 -7.76 -4.41 13.87
C PHE B 143 -8.85 -4.27 12.81
N TYR B 144 -10.10 -4.42 13.23
CA TYR B 144 -11.28 -4.26 12.39
C TYR B 144 -12.54 -4.05 13.25
N PRO B 145 -13.37 -3.01 12.98
CA PRO B 145 -13.20 -1.93 11.98
C PRO B 145 -12.01 -0.99 12.26
N GLY B 146 -11.74 -0.11 11.30
CA GLY B 146 -10.60 0.81 11.31
C GLY B 146 -10.76 2.08 12.11
N ALA B 147 -11.24 1.96 13.34
CA ALA B 147 -11.41 3.10 14.23
C ALA B 147 -10.80 2.77 15.60
N VAL B 148 -9.87 3.59 16.07
CA VAL B 148 -9.27 3.44 17.40
C VAL B 148 -9.23 4.81 18.08
N THR B 149 -9.21 4.82 19.42
CA THR B 149 -9.06 6.01 20.28
C THR B 149 -7.79 5.73 21.09
N VAL B 150 -6.90 6.73 21.19
CA VAL B 150 -5.64 6.51 21.91
C VAL B 150 -5.45 7.55 22.99
N ALA B 151 -5.07 7.08 24.17
CA ALA B 151 -4.76 7.92 25.30
C ALA B 151 -3.42 7.49 25.88
N TRP B 152 -2.60 8.46 26.24
CA TRP B 152 -1.32 8.20 26.86
C TRP B 152 -1.31 8.73 28.30
N LYS B 153 -0.52 8.06 29.18
CA LYS B 153 -0.31 8.44 30.58
C LYS B 153 1.19 8.46 30.89
N ALA B 154 1.63 9.44 31.70
CA ALA B 154 2.99 9.59 32.23
C ALA B 154 2.79 9.23 33.70
N ASP B 155 3.28 8.06 34.10
CA ASP B 155 3.00 7.38 35.38
C ASP B 155 1.49 7.06 35.28
N SER B 156 0.63 7.65 36.12
CA SER B 156 -0.82 7.43 36.00
C SER B 156 -1.58 8.71 35.61
N SER B 157 -0.84 9.76 35.16
CA SER B 157 -1.40 11.05 34.78
C SER B 157 -1.53 11.20 33.28
N PRO B 158 -2.71 11.63 32.77
CA PRO B 158 -2.87 11.79 31.32
C PRO B 158 -1.87 12.72 30.65
N VAL B 159 -1.50 12.37 29.40
CA VAL B 159 -0.59 13.16 28.57
C VAL B 159 -1.48 13.93 27.60
N LYS B 160 -1.73 15.23 27.89
CA LYS B 160 -2.60 16.07 27.07
C LYS B 160 -1.86 16.91 26.00
N ALA B 161 -0.58 16.55 25.69
CA ALA B 161 0.26 17.25 24.71
C ALA B 161 1.42 16.40 24.16
N GLY B 162 1.74 16.58 22.87
CA GLY B 162 2.83 15.91 22.18
C GLY B 162 2.46 14.60 21.48
N VAL B 163 1.16 14.22 21.57
CA VAL B 163 0.58 12.99 21.03
C VAL B 163 0.13 13.18 19.60
N GLU B 164 0.48 12.19 18.78
CA GLU B 164 0.11 12.11 17.38
C GLU B 164 -0.28 10.69 17.11
N THR B 165 -1.41 10.49 16.45
CA THR B 165 -1.85 9.16 16.05
C THR B 165 -2.21 9.22 14.62
N THR B 166 -1.72 8.24 13.84
CA THR B 166 -2.00 8.18 12.43
C THR B 166 -3.43 7.64 12.20
N THR B 167 -4.02 8.04 11.06
CA THR B 167 -5.34 7.62 10.62
C THR B 167 -5.22 6.16 10.22
N PRO B 168 -6.02 5.22 10.78
CA PRO B 168 -5.87 3.81 10.38
C PRO B 168 -5.93 3.59 8.88
N SER B 169 -5.13 2.68 8.39
CA SER B 169 -4.99 2.41 6.98
C SER B 169 -5.06 0.90 6.80
N LYS B 170 -5.69 0.43 5.66
CA LYS B 170 -5.84 -0.99 5.35
C LYS B 170 -4.49 -1.61 5.02
N GLN B 171 -4.11 -2.66 5.76
CA GLN B 171 -2.90 -3.45 5.53
C GLN B 171 -3.20 -4.41 4.35
N SER B 172 -2.20 -5.24 3.98
CA SER B 172 -2.27 -6.24 2.90
C SER B 172 -3.53 -7.13 2.97
N ASN B 173 -3.93 -7.50 4.22
CA ASN B 173 -5.04 -8.38 4.59
C ASN B 173 -6.38 -7.68 4.88
N ASN B 174 -6.51 -6.42 4.40
CA ASN B 174 -7.68 -5.53 4.51
C ASN B 174 -8.07 -5.21 5.98
N LYS B 175 -7.20 -5.59 6.95
CA LYS B 175 -7.33 -5.24 8.36
C LYS B 175 -6.57 -3.92 8.53
N TYR B 176 -6.68 -3.27 9.68
CA TYR B 176 -6.06 -1.97 9.86
C TYR B 176 -4.80 -1.94 10.75
N ALA B 177 -3.97 -0.90 10.50
CA ALA B 177 -2.76 -0.54 11.24
C ALA B 177 -2.72 0.97 11.39
N ALA B 178 -2.22 1.43 12.53
CA ALA B 178 -1.97 2.84 12.84
C ALA B 178 -0.81 2.89 13.82
N SER B 179 -0.39 4.07 14.22
CA SER B 179 0.65 4.18 15.23
C SER B 179 0.47 5.48 15.97
N SER B 180 0.67 5.44 17.28
CA SER B 180 0.63 6.63 18.11
C SER B 180 2.05 6.88 18.57
N TYR B 181 2.50 8.12 18.53
CA TYR B 181 3.85 8.44 18.92
C TYR B 181 3.88 9.65 19.82
N LEU B 182 4.70 9.58 20.85
CA LEU B 182 4.81 10.64 21.83
C LEU B 182 6.26 11.11 21.91
N SER B 183 6.50 12.31 21.43
CA SER B 183 7.82 12.91 21.45
C SER B 183 8.03 13.62 22.80
N LEU B 184 9.14 13.30 23.48
CA LEU B 184 9.54 13.84 24.78
C LEU B 184 11.01 14.20 24.74
N THR B 185 11.49 14.80 25.83
CA THR B 185 12.91 15.12 25.98
C THR B 185 13.55 13.93 26.72
N PRO B 186 14.87 13.65 26.56
CA PRO B 186 15.47 12.56 27.35
C PRO B 186 15.20 12.65 28.86
N GLU B 187 15.06 13.89 29.41
CA GLU B 187 14.81 14.18 30.83
C GLU B 187 13.40 13.80 31.25
N GLN B 188 12.38 14.12 30.43
CA GLN B 188 10.96 13.77 30.65
C GLN B 188 10.79 12.25 30.72
N TRP B 189 11.49 11.52 29.84
CA TRP B 189 11.50 10.06 29.76
C TRP B 189 12.08 9.44 31.04
N LYS B 190 13.31 9.87 31.44
CA LYS B 190 14.04 9.38 32.62
C LYS B 190 13.39 9.73 33.97
N SER B 191 12.66 10.87 34.03
CA SER B 191 11.98 11.40 35.22
C SER B 191 10.89 10.48 35.76
N HIS B 192 10.04 9.96 34.85
CA HIS B 192 8.90 9.08 35.17
C HIS B 192 9.28 7.63 35.39
N ARG B 193 8.48 6.92 36.20
CA ARG B 193 8.68 5.50 36.48
C ARG B 193 8.30 4.67 35.25
N SER B 194 7.24 5.12 34.52
CA SER B 194 6.74 4.46 33.31
C SER B 194 5.83 5.35 32.46
N TYR B 195 5.53 4.88 31.24
CA TYR B 195 4.60 5.49 30.30
C TYR B 195 3.65 4.41 29.81
N SER B 196 2.40 4.77 29.62
CA SER B 196 1.35 3.87 29.15
C SER B 196 0.68 4.43 27.90
N CYS B 197 0.21 3.51 27.04
CA CYS B 197 -0.54 3.76 25.80
C CYS B 197 -1.80 2.89 25.90
N GLN B 198 -2.98 3.53 25.98
CA GLN B 198 -4.29 2.93 26.09
C GLN B 198 -5.00 3.04 24.75
N VAL B 199 -5.26 1.89 24.10
CA VAL B 199 -5.93 1.84 22.82
C VAL B 199 -7.38 1.37 23.05
N THR B 200 -8.37 2.17 22.65
CA THR B 200 -9.79 1.82 22.75
C THR B 200 -10.30 1.46 21.35
N HIS B 201 -10.84 0.23 21.21
CA HIS B 201 -11.38 -0.28 19.95
C HIS B 201 -12.68 -1.07 20.19
N GLU B 202 -13.80 -0.56 19.62
CA GLU B 202 -15.14 -1.16 19.72
C GLU B 202 -15.49 -1.38 21.19
N GLY B 203 -15.37 -0.29 21.96
CA GLY B 203 -15.65 -0.26 23.40
C GLY B 203 -14.81 -1.15 24.30
N SER B 204 -13.63 -1.57 23.84
CA SER B 204 -12.70 -2.41 24.62
C SER B 204 -11.34 -1.73 24.62
N THR B 205 -10.65 -1.75 25.77
CA THR B 205 -9.36 -1.12 25.91
C THR B 205 -8.23 -2.10 26.06
N VAL B 206 -7.12 -1.79 25.40
CA VAL B 206 -5.87 -2.54 25.49
C VAL B 206 -4.83 -1.52 25.97
N GLU B 207 -4.25 -1.75 27.15
CA GLU B 207 -3.19 -0.90 27.64
C GLU B 207 -1.85 -1.64 27.70
N LYS B 208 -0.75 -0.97 27.30
CA LYS B 208 0.65 -1.41 27.38
C LYS B 208 1.45 -0.34 28.13
N THR B 209 2.53 -0.75 28.79
CA THR B 209 3.38 0.07 29.63
C THR B 209 4.86 -0.22 29.34
N VAL B 210 5.67 0.86 29.30
CA VAL B 210 7.14 0.82 29.13
C VAL B 210 7.78 1.73 30.17
N ALA B 211 8.93 1.30 30.69
CA ALA B 211 9.71 2.02 31.69
C ALA B 211 11.17 2.16 31.24
N PRO B 212 11.89 3.27 31.60
CA PRO B 212 13.33 3.36 31.25
C PRO B 212 14.17 2.23 31.85
N THR B 213 15.15 1.72 31.09
CA THR B 213 16.06 0.65 31.51
C THR B 213 17.38 1.17 32.09
N GLU B 214 18.06 0.35 32.90
CA GLU B 214 19.32 0.70 33.58
C GLU B 214 20.56 0.65 32.65
N CYS B 215 20.54 1.48 31.58
CA CYS B 215 21.63 1.66 30.59
C CYS B 215 21.43 2.92 29.76
#